data_9EHN
#
_entry.id   9EHN
#
_cell.length_a   16.470
_cell.length_b   21.720
_cell.length_c   23.650
_cell.angle_alpha   103.640
_cell.angle_beta   109.380
_cell.angle_gamma   108.910
#
_symmetry.space_group_name_H-M   'P 1'
#
loop_
_entity.id
_entity.type
_entity.pdbx_description
1 polymer 'Co-MAHF-9 A8T'
2 non-polymer 'COBALT (II) ION'
3 water water
#
_entity_poly.entity_id   1
_entity_poly.type   'polypeptide(L)'
_entity_poly.pdbx_seq_one_letter_code
;(ACE)L(AIB)E(AIB)LHT(AIB)L(NH2)
;
_entity_poly.pdbx_strand_id   A,B,C,D
#
loop_
_chem_comp.id
_chem_comp.type
_chem_comp.name
_chem_comp.formula
ACE non-polymer 'ACETYL GROUP' 'C2 H4 O'
CO non-polymer 'COBALT (II) ION' 'Co 2'
NH2 non-polymer 'AMINO GROUP' 'H2 N'
#
# COMPACT_ATOMS: atom_id res chain seq x y z
C ACE A 1 0.61 7.63 7.46
C ACE A 1 0.27 7.80 6.90
O ACE A 1 -0.38 6.85 7.67
O ACE A 1 -0.68 6.99 7.17
CH3 ACE A 1 0.81 8.76 8.48
CH3 ACE A 1 0.48 8.95 7.91
H1 ACE A 1 1.24 8.42 9.27
H1 ACE A 1 1.14 8.70 8.57
H2 ACE A 1 -0.05 9.11 8.73
H2 ACE A 1 -0.35 9.11 8.37
H3 ACE A 1 1.35 9.49 8.14
H3 ACE A 1 0.77 9.77 7.48
N LEU A 2 1.10 7.63 6.13
N LEU A 2 1.46 7.50 6.18
CA LEU A 2 0.99 6.62 5.09
CA LEU A 2 1.00 6.55 5.17
C LEU A 2 0.88 5.21 5.66
C LEU A 2 0.88 5.13 5.73
N AIB A 3 1.88 4.79 6.43
N AIB A 3 1.66 4.83 6.75
CA AIB A 3 1.95 3.43 6.90
CA AIB A 3 1.64 3.52 7.38
C AIB A 3 0.61 3.01 7.51
C AIB A 3 0.22 3.09 7.82
O AIB A 3 -0.01 2.00 7.17
O AIB A 3 -0.29 2.00 7.51
CB1 AIB A 3 2.22 2.46 5.72
CB1 AIB A 3 2.11 2.41 6.42
CB2 AIB A 3 3.03 3.26 7.98
CB2 AIB A 3 2.50 3.50 8.65
H AIB A 3 2.65 5.34 6.74
H AIB A 3 2.33 5.43 7.20
HB11 AIB A 3 3.17 2.76 5.22
HB11 AIB A 3 3.09 2.69 5.98
HB12 AIB A 3 1.38 2.54 4.98
HB12 AIB A 3 1.36 2.29 5.60
HB13 AIB A 3 2.29 1.41 6.07
HB13 AIB A 3 2.21 1.44 6.95
HB21 AIB A 3 3.05 2.19 8.31
HB21 AIB A 3 2.93 2.48 8.78
HB22 AIB A 3 2.81 3.92 8.84
HB22 AIB A 3 1.88 3.74 9.54
HB23 AIB A 3 4.05 3.52 7.57
HB23 AIB A 3 3.34 4.23 8.57
N GLU A 4 0.16 3.82 8.47
N GLU A 4 -0.43 3.99 8.55
CA GLU A 4 -1.03 3.44 9.22
CA GLU A 4 -1.75 3.69 9.09
C GLU A 4 -2.31 3.61 8.41
C GLU A 4 -2.83 3.76 8.04
N AIB A 5 -2.36 4.60 7.52
N AIB A 5 -2.74 4.75 7.15
CA AIB A 5 -3.47 4.72 6.61
CA AIB A 5 -3.68 4.81 6.06
C AIB A 5 -3.68 3.37 5.83
C AIB A 5 -3.77 3.42 5.44
O AIB A 5 -4.77 2.82 5.75
O AIB A 5 -4.81 2.84 5.15
CB1 AIB A 5 -4.77 5.11 7.34
CB1 AIB A 5 -5.10 5.24 6.49
CB2 AIB A 5 -3.14 5.82 5.59
CB2 AIB A 5 -3.21 5.77 4.95
H AIB A 5 -1.67 5.33 7.39
H AIB A 5 -2.07 5.49 7.15
HB11 AIB A 5 -4.62 6.04 7.92
HB11 AIB A 5 -5.06 6.21 7.02
HB12 AIB A 5 -5.07 4.28 8.03
HB12 AIB A 5 -5.52 4.47 7.17
HB13 AIB A 5 -5.61 5.28 6.60
HB13 AIB A 5 -5.77 5.34 5.60
HB21 AIB A 5 -4.03 6.01 4.94
HB21 AIB A 5 -3.95 5.76 4.11
HB22 AIB A 5 -2.29 5.51 4.94
HB22 AIB A 5 -2.21 5.42 4.55
HB23 AIB A 5 -2.87 6.78 6.09
HB23 AIB A 5 -3.10 6.81 5.32
N LEU A 6 -2.58 2.86 5.24
CA LEU A 6 -2.59 1.60 4.52
C LEU A 6 -2.95 0.42 5.42
N HIS A 7 -2.35 0.34 6.62
CA HIS A 7 -2.66 -0.81 7.45
C HIS A 7 -4.15 -0.85 7.76
N THR A 8 -4.72 0.31 8.03
N THR A 8 -4.78 0.32 7.88
CA THR A 8 -6.10 0.36 8.45
CA THR A 8 -6.24 0.38 8.06
C THR A 8 -6.97 -0.14 7.32
C THR A 8 -7.01 -0.14 6.85
N AIB A 9 -6.69 0.35 6.11
N AIB A 9 -6.68 0.40 5.70
CA AIB A 9 -7.45 0.02 4.92
CA AIB A 9 -7.25 -0.01 4.44
C AIB A 9 -7.38 -1.49 4.56
C AIB A 9 -7.28 -1.53 4.29
O AIB A 9 -8.33 -2.06 4.06
O AIB A 9 -8.15 -2.18 3.70
CB1 AIB A 9 -8.93 0.43 5.05
CB1 AIB A 9 -8.69 0.52 4.24
CB2 AIB A 9 -6.88 0.81 3.73
CB2 AIB A 9 -6.36 0.50 3.30
H AIB A 9 -5.95 0.99 5.91
H AIB A 9 -6.01 1.15 5.57
HB11 AIB A 9 -9.02 1.50 5.33
HB11 AIB A 9 -8.68 1.64 4.22
HB12 AIB A 9 -9.41 -0.20 5.85
HB12 AIB A 9 -9.34 0.16 5.07
HB13 AIB A 9 -9.48 0.25 4.08
HB13 AIB A 9 -9.12 0.15 3.26
HB21 AIB A 9 -7.45 0.53 2.81
HB21 AIB A 9 -6.95 0.51 2.35
HB22 AIB A 9 -5.80 0.55 3.59
HB22 AIB A 9 -5.48 -0.18 3.17
HB23 AIB A 9 -6.97 1.91 3.89
HB23 AIB A 9 -5.99 1.53 3.51
N LEU A 10 -6.23 -2.13 4.85
CA LEU A 10 -5.99 -3.54 4.57
C LEU A 10 -6.71 -4.48 5.49
N NH2 A 11 -7.10 -3.94 6.87
HN1 NH2 A 11 -6.45 -3.50 7.36
HN2 NH2 A 11 -7.37 -4.51 7.53
HN3 NH2 A 11 -7.76 -3.31 6.95
C ACE B 1 9.61 4.39 2.78
O ACE B 1 8.63 3.59 2.90
CH3 ACE B 1 9.69 5.61 3.61
H1 ACE B 1 9.97 5.38 4.52
H2 ACE B 1 8.81 6.01 3.66
H3 ACE B 1 10.30 6.27 3.27
N LEU B 2 10.69 4.10 1.91
CA LEU B 2 10.58 3.01 0.99
C LEU B 2 10.39 1.65 1.68
N AIB B 3 11.19 1.36 2.70
N AIB B 3 11.32 1.33 2.57
CA AIB B 3 11.10 0.08 3.38
CA AIB B 3 11.42 0.00 3.11
C AIB B 3 9.63 -0.22 3.80
C AIB B 3 10.12 -0.47 3.74
O AIB B 3 9.08 -1.30 3.54
O AIB B 3 9.63 -1.58 3.57
CB1 AIB B 3 11.61 -1.08 2.47
CB1 AIB B 3 11.77 -1.03 2.02
CB2 AIB B 3 11.92 0.10 4.69
CB2 AIB B 3 12.47 -0.10 4.24
H AIB B 3 11.90 1.96 3.09
H AIB B 3 12.01 1.95 2.95
HB11 AIB B 3 12.67 -0.89 2.19
HB11 AIB B 3 12.71 -0.73 1.50
HB12 AIB B 3 10.98 -1.12 1.56
HB12 AIB B 3 10.93 -1.08 1.28
HB13 AIB B 3 11.55 -2.06 3.01
HB13 AIB B 3 11.91 -2.05 2.46
HB21 AIB B 3 11.84 -0.91 5.19
HB21 AIB B 3 12.03 -0.69 5.08
HB22 AIB B 3 11.51 0.87 5.38
HB22 AIB B 3 12.74 0.92 4.60
HB23 AIB B 3 12.99 0.31 4.49
HB23 AIB B 3 13.40 -0.60 3.88
N GLU B 4 8.99 0.74 4.45
N GLU B 4 9.55 0.44 4.53
CA GLU B 4 7.66 0.50 4.98
CA GLU B 4 8.35 0.11 5.28
C GLU B 4 6.59 0.43 3.90
C GLU B 4 7.12 0.26 4.40
N AIB B 5 6.73 1.28 2.89
N AIB B 5 7.14 1.19 3.46
CA AIB B 5 5.84 1.23 1.73
CA AIB B 5 6.06 1.32 2.50
C AIB B 5 5.80 -0.21 1.16
C AIB B 5 5.83 -0.01 1.77
O AIB B 5 4.77 -0.81 0.92
O AIB B 5 4.74 -0.55 1.65
CB1 AIB B 5 4.42 1.69 2.09
CB1 AIB B 5 4.71 1.72 3.14
CB2 AIB B 5 6.36 2.16 0.62
CB2 AIB B 5 6.42 2.38 1.43
H AIB B 5 7.40 2.01 2.81
H AIB B 5 7.87 1.86 3.31
HB11 AIB B 5 4.43 2.74 2.44
HB11 AIB B 5 4.82 2.72 3.64
HB12 AIB B 5 4.02 1.04 2.91
HB12 AIB B 5 4.43 0.96 3.91
HB13 AIB B 5 3.74 1.61 1.20
HB13 AIB B 5 3.91 1.78 2.38
HB21 AIB B 5 5.66 2.10 -0.25
HB21 AIB B 5 5.66 2.33 0.61
HB22 AIB B 5 7.38 1.82 0.30
HB22 AIB B 5 7.42 2.16 1.00
HB23 AIB B 5 6.41 3.21 0.97
HB23 AIB B 5 6.41 3.40 1.86
N LEU B 6 6.99 -0.77 1.00
N LEU B 6 6.94 -0.57 1.30
CA LEU B 6 7.14 -2.13 0.47
CA LEU B 6 6.93 -1.83 0.55
C LEU B 6 6.65 -3.20 1.47
C LEU B 6 6.58 -3.02 1.43
N HIS B 7 7.07 -3.14 2.73
N HIS B 7 7.08 -3.08 2.67
N HIS B 7 7.07 -3.08 2.69
CA HIS B 7 6.56 -4.10 3.73
CA HIS B 7 6.78 -4.24 3.55
CA HIS B 7 6.67 -4.17 3.61
C HIS B 7 5.04 -4.22 3.60
C HIS B 7 5.27 -4.27 3.76
C HIS B 7 5.15 -4.19 3.73
N THR B 8 4.40 -3.04 3.69
N THR B 8 4.80 -3.09 3.95
CA THR B 8 2.95 -2.95 3.76
CA THR B 8 3.38 -2.99 4.26
C THR B 8 2.32 -3.58 2.50
C THR B 8 2.54 -3.55 3.12
N AIB B 9 2.84 -3.18 1.35
N AIB B 9 2.91 -3.17 1.90
CA AIB B 9 2.40 -3.72 0.08
CA AIB B 9 2.25 -3.60 0.69
C AIB B 9 2.40 -5.25 0.12
C AIB B 9 2.29 -5.13 0.40
O AIB B 9 1.56 -5.96 -0.45
O AIB B 9 1.37 -5.73 -0.18
CB1 AIB B 9 0.98 -3.21 -0.22
CB1 AIB B 9 0.76 -3.20 0.68
CB2 AIB B 9 3.38 -3.28 -1.01
CB2 AIB B 9 2.92 -2.91 -0.51
H AIB B 9 3.55 -2.49 1.23
H AIB B 9 3.68 -2.56 1.70
HB11 AIB B 9 0.97 -2.09 -0.24
HB11 AIB B 9 0.67 -2.10 0.85
HB12 AIB B 9 0.28 -3.57 0.57
HB12 AIB B 9 0.23 -3.75 1.49
HB13 AIB B 9 0.62 -3.58 -1.21
HB13 AIB B 9 0.28 -3.46 -0.30
HB21 AIB B 9 2.94 -3.50 -2.01
HB21 AIB B 9 2.34 -3.15 -1.44
HB22 AIB B 9 4.34 -3.84 -0.91
HB22 AIB B 9 3.97 -3.27 -0.63
HB23 AIB B 9 3.59 -2.19 -0.94
HB23 AIB B 9 2.93 -1.80 -0.36
N LEU B 10 3.37 -5.77 0.85
CA LEU B 10 3.59 -7.21 0.81
C LEU B 10 2.62 -7.96 1.70
N NH2 B 11 1.87 -7.29 2.71
HN1 NH2 B 11 1.09 -6.84 2.49
HN2 NH2 B 11 2.26 -6.62 3.22
HN3 NH2 B 11 1.52 -7.78 3.43
C ACE C 1 1.03 -8.63 -7.42
C ACE C 1 1.29 -8.65 -7.24
O ACE C 1 0.75 -7.38 -7.31
O ACE C 1 0.95 -7.47 -6.86
CH3 ACE C 1 -0.11 -9.51 -7.92
CH3 ACE C 1 0.15 -9.62 -7.55
H1 ACE C 1 -0.21 -9.44 -8.88
H1 ACE C 1 -0.38 -9.27 -8.29
H2 ACE C 1 -0.94 -9.22 -7.51
H2 ACE C 1 -0.41 -9.70 -6.78
H3 ACE C 1 0.00 -10.46 -7.72
H3 ACE C 1 0.45 -10.50 -7.81
N LEU C 2 2.31 -9.20 -7.14
N LEU C 2 2.62 -9.14 -7.04
CA LEU C 2 3.40 -8.48 -6.51
CA LEU C 2 3.72 -8.37 -6.46
C LEU C 2 3.71 -7.14 -7.20
C LEU C 2 3.87 -7.02 -7.15
N AIB C 3 3.94 -7.18 -8.51
N AIB C 3 3.76 -6.99 -8.47
CA AIB C 3 4.42 -5.99 -9.21
CA AIB C 3 3.98 -5.77 -9.23
C AIB C 3 3.49 -4.81 -8.93
C AIB C 3 3.09 -4.60 -8.78
O AIB C 3 3.89 -3.72 -8.52
O AIB C 3 3.53 -3.47 -8.54
CB1 AIB C 3 5.85 -5.65 -8.77
CB1 AIB C 3 5.44 -5.32 -9.10
CB2 AIB C 3 4.43 -6.22 -10.73
CB2 AIB C 3 3.73 -6.00 -10.74
H AIB C 3 3.84 -7.97 -9.12
H AIB C 3 3.53 -7.77 -9.05
HB11 AIB C 3 6.53 -6.51 -8.96
HB11 AIB C 3 6.12 -6.15 -9.40
HB12 AIB C 3 5.85 -5.40 -7.68
HB12 AIB C 3 5.65 -5.05 -8.04
HB13 AIB C 3 6.24 -4.75 -9.33
HB13 AIB C 3 5.65 -4.44 -9.73
HB21 AIB C 3 4.95 -5.36 -11.23
HB21 AIB C 3 4.36 -5.28 -11.33
HB22 AIB C 3 3.38 -6.29 -11.11
HB22 AIB C 3 2.65 -5.83 -10.97
HB23 AIB C 3 4.96 -7.17 -10.99
HB23 AIB C 3 4.01 -7.05 -11.03
N GLU C 4 2.18 -5.02 -9.13
N GLU C 4 1.80 -4.88 -8.65
CA GLU C 4 1.24 -3.91 -9.01
CA GLU C 4 0.84 -3.84 -8.31
C GLU C 4 0.97 -3.52 -7.56
C GLU C 4 0.90 -3.45 -6.83
N AIB C 5 1.02 -4.49 -6.65
N AIB C 5 1.10 -4.44 -5.96
CA AIB C 5 0.92 -4.20 -5.24
CA AIB C 5 1.31 -4.17 -4.55
C AIB C 5 2.01 -3.15 -4.88
C AIB C 5 2.43 -3.14 -4.36
O AIB C 5 1.75 -2.11 -4.26
O AIB C 5 2.33 -2.13 -3.64
CB1 AIB C 5 -0.48 -3.67 -4.81
CB1 AIB C 5 0.03 -3.62 -3.88
CB2 AIB C 5 1.23 -5.47 -4.44
CB2 AIB C 5 1.74 -5.46 -3.82
H AIB C 5 1.15 -5.47 -6.83
H AIB C 5 1.12 -5.42 -6.17
HB11 AIB C 5 -1.26 -4.43 -5.08
HB11 AIB C 5 -0.82 -4.32 -4.06
HB12 AIB C 5 -0.70 -2.72 -5.34
HB12 AIB C 5 -0.22 -2.63 -4.32
HB13 AIB C 5 -0.52 -3.50 -3.72
HB13 AIB C 5 0.18 -3.50 -2.78
HB21 AIB C 5 1.10 -5.26 -3.35
HB21 AIB C 5 1.91 -5.22 -2.74
HB22 AIB C 5 2.28 -5.78 -4.64
HB22 AIB C 5 2.68 -5.85 -4.27
HB23 AIB C 5 0.54 -6.29 -4.73
HB23 AIB C 5 0.95 -6.24 -3.89
N LEU C 6 3.25 -3.43 -5.30
N LEU C 6 3.51 -3.39 -5.06
CA LEU C 6 4.39 -2.53 -5.01
CA LEU C 6 4.64 -2.48 -5.03
C LEU C 6 4.24 -1.20 -5.71
C LEU C 6 4.30 -1.15 -5.71
N HIS C 7 3.85 -1.19 -6.97
CA HIS C 7 3.75 0.08 -7.69
C HIS C 7 2.73 0.99 -7.01
N THR C 8 1.62 0.42 -6.58
N THR C 8 1.72 0.42 -6.37
CA THR C 8 0.55 1.23 -6.01
CA THR C 8 0.81 1.21 -5.55
C THR C 8 1.08 1.87 -4.75
C THR C 8 1.50 1.82 -4.32
N AIB C 9 1.71 1.05 -3.91
N AIB C 9 2.32 1.02 -3.65
CA AIB C 9 2.25 1.49 -2.65
CA AIB C 9 3.04 1.42 -2.44
C AIB C 9 3.28 2.65 -2.82
C AIB C 9 3.98 2.60 -2.64
O AIB C 9 3.40 3.55 -2.01
O AIB C 9 4.14 3.51 -1.81
CB1 AIB C 9 1.16 1.99 -1.66
CB1 AIB C 9 2.07 1.79 -1.30
CB2 AIB C 9 3.00 0.34 -1.97
CB2 AIB C 9 3.95 0.27 -1.98
H AIB C 9 1.87 0.07 -4.06
H AIB C 9 2.53 0.08 -3.90
HB11 AIB C 9 0.40 1.19 -1.50
HB11 AIB C 9 1.38 0.93 -1.10
HB12 AIB C 9 0.66 2.89 -2.11
HB12 AIB C 9 1.47 2.68 -1.60
HB13 AIB C 9 1.61 2.28 -0.68
HB13 AIB C 9 2.62 2.02 -0.37
HB21 AIB C 9 3.44 0.69 -1.01
HB21 AIB C 9 4.16 0.39 -0.88
HB22 AIB C 9 3.82 -0.03 -2.64
HB22 AIB C 9 4.92 0.31 -2.54
HB23 AIB C 9 2.30 -0.51 -1.75
HB23 AIB C 9 3.47 -0.71 -2.16
N LEU C 10 4.03 2.61 -3.93
N LEU C 10 4.63 2.58 -3.79
CA LEU C 10 5.06 3.62 -4.20
CA LEU C 10 5.65 3.57 -4.13
C LEU C 10 4.51 4.97 -4.64
C LEU C 10 5.01 4.85 -4.62
N NH2 C 11 3.11 5.19 -4.87
N NH2 C 11 3.64 4.97 -5.05
HN1 NH2 C 11 2.30 5.26 -4.54
HN1 NH2 C 11 3.12 4.82 -4.35
HN2 NH2 C 11 3.29 5.96 -5.28
HN2 NH2 C 11 3.63 5.85 -5.17
HN3 NH2 C 11 3.05 4.59 -5.53
HN3 NH2 C 11 3.22 4.62 -5.74
C ACE D 1 -8.60 -5.02 -3.40
O ACE D 1 -8.73 -3.83 -2.99
CH3 ACE D 1 -9.81 -5.85 -3.70
H1 ACE D 1 -10.08 -5.74 -4.63
H2 ACE D 1 -10.54 -5.54 -3.14
H3 ACE D 1 -9.68 -6.80 -3.55
N LEU D 2 -7.33 -5.65 -3.40
CA LEU D 2 -6.19 -5.01 -2.81
C LEU D 2 -5.91 -3.65 -3.46
N AIB D 3 -5.99 -3.60 -4.79
N AIB D 3 -5.79 -3.62 -4.78
CA AIB D 3 -5.71 -2.38 -5.53
CA AIB D 3 -5.26 -2.44 -5.45
C AIB D 3 -6.54 -1.20 -4.99
C AIB D 3 -6.11 -1.20 -5.18
O AIB D 3 -6.07 -0.11 -4.70
O AIB D 3 -5.64 -0.11 -4.86
CB1 AIB D 3 -4.21 -2.01 -5.47
CB1 AIB D 3 -3.82 -2.13 -5.00
CB2 AIB D 3 -6.07 -2.58 -7.01
CB2 AIB D 3 -5.24 -2.60 -6.98
H AIB D 3 -6.23 -4.36 -5.39
H AIB D 3 -6.01 -4.35 -5.41
HB11 AIB D 3 -3.60 -2.87 -5.85
HB11 AIB D 3 -3.19 -3.04 -5.06
HB12 AIB D 3 -3.93 -1.79 -4.41
HB12 AIB D 3 -3.84 -1.76 -3.94
HB13 AIB D 3 -3.99 -1.12 -6.10
HB13 AIB D 3 -3.36 -1.33 -5.64
HB21 AIB D 3 -5.83 -1.65 -7.58
HB21 AIB D 3 -5.47 -1.62 -7.45
HB22 AIB D 3 -7.16 -2.80 -7.11
HB22 AIB D 3 -6.00 -3.35 -7.30
HB23 AIB D 3 -5.49 -3.43 -7.45
HB23 AIB D 3 -4.23 -2.94 -7.34
N GLU D 4 -7.83 -1.47 -4.84
N GLU D 4 -7.41 -1.41 -5.28
CA GLU D 4 -8.79 -0.46 -4.43
CA GLU D 4 -8.34 -0.29 -5.14
C GLU D 4 -8.60 -0.03 -2.98
C GLU D 4 -8.63 0.01 -3.68
N AIB D 5 -8.39 -1.00 -2.11
N AIB D 5 -8.59 -1.00 -2.81
CA AIB D 5 -8.13 -0.73 -0.69
CA AIB D 5 -8.64 -0.75 -1.39
C AIB D 5 -7.02 0.30 -0.57
C AIB D 5 -7.58 0.30 -1.04
O AIB D 5 -7.09 1.32 0.11
O AIB D 5 -7.81 1.33 -0.42
CB1 AIB D 5 -9.40 -0.18 -0.01
CB1 AIB D 5 -9.99 -0.17 -0.94
CB2 AIB D 5 -7.71 -2.02 0.03
CB2 AIB D 5 -8.34 -2.02 -0.57
H AIB D 5 -8.40 -1.98 -2.31
H AIB D 5 -8.50 -1.97 -3.04
HB11 AIB D 5 -10.22 -0.94 -0.04
HB11 AIB D 5 -10.83 -0.79 -1.37
HB12 AIB D 5 -9.75 0.74 -0.54
HB12 AIB D 5 -10.09 0.87 -1.32
HB13 AIB D 5 -9.20 0.07 1.07
HB13 AIB D 5 -10.08 -0.17 0.17
HB21 AIB D 5 -7.50 -1.78 1.11
HB21 AIB D 5 -8.32 -1.76 0.52
HB22 AIB D 5 -6.78 -2.42 -0.44
HB22 AIB D 5 -7.34 -2.44 -0.86
HB23 AIB D 5 -8.50 -2.80 -0.02
HB23 AIB D 5 -9.11 -2.81 -0.74
N LEU D 6 -5.93 0.02 -1.28
N LEU D 6 -6.35 0.02 -1.50
CA LEU D 6 -4.75 0.88 -1.23
CA LEU D 6 -5.22 0.90 -1.25
C LEU D 6 -5.00 2.23 -1.87
C LEU D 6 -5.37 2.26 -1.95
N HIS D 7 -5.72 2.21 -3.04
N HIS D 7 -5.68 2.22 -3.20
N HIS D 7 -5.49 2.29 -3.31
CA HIS D 7 -5.76 3.48 -3.75
CA HIS D 7 -5.78 3.55 -3.83
CA HIS D 7 -6.05 3.61 -3.76
C HIS D 7 -6.67 4.48 -3.04
C HIS D 7 -6.73 4.42 -3.04
C HIS D 7 -6.65 4.31 -2.55
N THR D 8 -7.69 3.86 -2.29
N THR D 8 -7.88 3.86 -2.69
CA THR D 8 -8.57 4.65 -1.45
CA THR D 8 -8.88 4.65 -2.00
C THR D 8 -7.80 5.21 -0.25
C THR D 8 -8.32 5.28 -0.72
N AIB D 9 -7.03 4.34 0.41
N AIB D 9 -7.63 4.45 0.06
CA AIB D 9 -6.25 4.71 1.58
CA AIB D 9 -6.96 4.88 1.28
C AIB D 9 -5.31 5.90 1.37
C AIB D 9 -5.92 6.02 1.08
O AIB D 9 -5.16 6.81 2.21
O AIB D 9 -5.78 6.91 1.91
CB1 AIB D 9 -7.20 5.02 2.76
CB1 AIB D 9 -7.94 5.38 2.35
CB2 AIB D 9 -5.32 3.55 1.95
CB2 AIB D 9 -6.20 3.68 1.87
H AIB D 9 -6.92 3.37 0.17
H AIB D 9 -7.50 3.48 -0.11
HB11 AIB D 9 -7.83 4.14 2.98
HB11 AIB D 9 -8.71 4.60 2.57
HB12 AIB D 9 -7.85 5.89 2.50
HB12 AIB D 9 -8.45 6.30 1.99
HB13 AIB D 9 -6.61 5.28 3.68
HB13 AIB D 9 -7.40 5.62 3.30
HB21 AIB D 9 -4.86 3.74 2.95
HB21 AIB D 9 -5.88 3.93 2.91
HB22 AIB D 9 -4.50 3.47 1.19
HB22 AIB D 9 -5.30 3.47 1.26
HB23 AIB D 9 -5.87 2.59 1.98
HB23 AIB D 9 -6.85 2.78 1.89
N LEU D 10 -4.62 5.90 0.23
N LEU D 10 -5.20 5.96 -0.04
CA LEU D 10 -3.52 6.84 0.05
CA LEU D 10 -4.18 6.97 -0.40
C LEU D 10 -4.04 8.21 -0.37
C LEU D 10 -4.82 8.34 -0.60
N NH2 D 11 -5.41 8.41 -0.73
N NH2 D 11 -6.20 8.47 -0.97
HN1 NH2 D 11 -5.65 9.05 -1.36
HN1 NH2 D 11 -6.42 8.98 -1.72
HN2 NH2 D 11 -6.04 8.64 -0.09
HN2 NH2 D 11 -6.80 8.86 -0.38
HN3 NH2 D 11 -5.90 7.72 -1.11
HN3 NH2 D 11 -6.69 7.72 -1.18
CO CO E . 0.09 -0.27 11.47
CO CO F . 7.86 -2.62 8.32
CO CO F . 9.63 -3.55 7.61
#